data_4AZA
#
_entry.id   4AZA
#
_cell.length_a   60.662
_cell.length_b   38.168
_cell.length_c   121.758
_cell.angle_alpha   90.00
_cell.angle_beta   90.00
_cell.angle_gamma   90.00
#
_symmetry.space_group_name_H-M   'P 1 21 1'
#
loop_
_entity.id
_entity.type
_entity.pdbx_description
1 polymer 'EUKARYOTIC TRANSLATION INITIATION FACTOR 4E'
2 polymer 'EIF4G1_D5S PEPTIDE'
3 non-polymer '[[(2R,3S,4R,5R)-5-(6-AMINO-3-METHYL-4-OXO-5H-IMIDAZO[4,5-C]PYRIDIN-1-YL)-3,4-DIHYDROXY-OXOLAN-2-YL]METHOXY-HYDROXY-PHOSPHORYL] PHOSPHONO HYDROGEN PHOSPHATE'
4 water water
#
loop_
_entity_poly.entity_id
_entity_poly.type
_entity_poly.pdbx_seq_one_letter_code
_entity_poly.pdbx_strand_id
1 'polypeptide(L)'
;MATVEPETTPTPNPPTTEEEKTESNQEVANPEHYIKHPLQNRWALWFFKNDKSKTWQANLRLISKFDTVEDFWALYNHIQ
LSSNLMPGCDYSLFKDGIEPMWEDEKNKRGGRWLITLNKQQRRSDLDRFWLETLLCLIGESFDDYSDDVCGAVVNVRAKG
DKIAIWTTECENREAVTHIGRVYKERLGLPPKIVIGYQSHADTATKSGSTTKNRFVV
;
A,C
2 'polypeptide(L)' (ACE)KKRYSREFLLGF(NH2) B,D
#
loop_
_chem_comp.id
_chem_comp.type
_chem_comp.name
_chem_comp.formula
ACE non-polymer 'ACETYL GROUP' 'C2 H4 O'
MGO non-polymer '[[(2R,3S,4R,5R)-5-(6-AMINO-3-METHYL-4-OXO-5H-IMIDAZO[4,5-C]PYRIDIN-1-YL)-3,4-DIHYDROXY-OXOLAN-2-YL]METHOXY-HYDROXY-PHOSPHORYL] PHOSPHONO HYDROGEN PHOSPHATE' 'C12 H20 N4 O14 P3 1'
NH2 non-polymer 'AMINO GROUP' 'H2 N'
#
# COMPACT_ATOMS: atom_id res chain seq x y z
N GLU A 27 14.24 57.53 2.91
CA GLU A 27 15.03 56.26 2.85
C GLU A 27 14.55 55.24 3.86
N VAL A 28 14.40 54.00 3.42
CA VAL A 28 14.05 52.89 4.30
C VAL A 28 15.29 52.07 4.65
N ALA A 29 15.17 51.20 5.65
CA ALA A 29 16.27 50.32 6.07
C ALA A 29 16.68 49.31 4.99
N ASN A 30 17.94 48.87 5.05
CA ASN A 30 18.48 47.85 4.17
C ASN A 30 17.93 46.47 4.55
N PRO A 31 17.15 45.85 3.63
CA PRO A 31 16.57 44.52 3.82
C PRO A 31 17.57 43.48 4.33
N GLU A 32 18.80 43.55 3.87
CA GLU A 32 19.83 42.58 4.24
C GLU A 32 20.06 42.49 5.75
N HIS A 33 19.79 43.58 6.47
CA HIS A 33 20.16 43.65 7.90
C HIS A 33 19.15 43.07 8.87
N TYR A 34 17.91 42.87 8.42
CA TYR A 34 16.83 42.51 9.34
C TYR A 34 15.83 41.46 8.81
N ILE A 35 15.83 41.23 7.50
CA ILE A 35 14.91 40.30 6.85
C ILE A 35 15.40 38.84 6.98
N LYS A 36 14.49 37.92 7.28
CA LYS A 36 14.78 36.49 7.25
C LYS A 36 15.02 36.03 5.82
N HIS A 37 15.77 34.94 5.64
CA HIS A 37 16.10 34.48 4.30
C HIS A 37 15.03 33.55 3.78
N PRO A 38 14.22 34.03 2.82
CA PRO A 38 13.03 33.30 2.36
C PRO A 38 13.40 32.02 1.63
N LEU A 39 12.66 30.95 1.92
CA LEU A 39 12.84 29.72 1.19
C LEU A 39 11.91 29.77 -0.01
N GLN A 40 12.30 29.07 -1.06
CA GLN A 40 11.51 28.94 -2.25
C GLN A 40 10.12 28.38 -1.93
N ASN A 41 10.08 27.32 -1.11
CA ASN A 41 8.82 26.72 -0.68
C ASN A 41 8.63 26.80 0.83
N ARG A 42 7.37 26.69 1.26
CA ARG A 42 7.08 26.40 2.65
C ARG A 42 7.12 24.88 2.86
N TRP A 43 7.79 24.46 3.92
CA TRP A 43 7.91 23.02 4.22
C TRP A 43 7.24 22.69 5.51
N ALA A 44 6.62 21.53 5.56
CA ALA A 44 6.00 21.04 6.78
C ALA A 44 6.75 19.81 7.26
N LEU A 45 7.10 19.80 8.54
CA LEU A 45 7.74 18.62 9.16
C LEU A 45 6.67 17.77 9.89
N TRP A 46 6.65 16.48 9.58
CA TRP A 46 5.72 15.53 10.17
C TRP A 46 6.47 14.54 11.01
N PHE A 47 5.79 14.03 12.04
CA PHE A 47 6.32 12.95 12.85
C PHE A 47 5.37 11.76 12.87
N PHE A 48 5.94 10.57 12.75
CA PHE A 48 5.17 9.34 12.85
C PHE A 48 5.68 8.56 14.05
N LYS A 49 4.77 8.06 14.88
CA LYS A 49 5.12 7.18 15.99
C LYS A 49 4.30 5.90 15.87
N ASN A 50 4.95 4.75 15.92
CA ASN A 50 4.21 3.51 15.78
C ASN A 50 3.39 3.22 17.04
N ASP A 51 2.10 3.04 16.83
CA ASP A 51 1.19 2.55 17.85
C ASP A 51 0.31 1.49 17.20
N LYS A 52 0.43 0.25 17.68
CA LYS A 52 -0.24 -0.90 17.08
C LYS A 52 -1.76 -0.80 17.01
N SER A 53 -2.36 -0.21 18.04
CA SER A 53 -3.82 -0.14 18.15
C SER A 53 -4.49 0.71 17.07
N LYS A 54 -3.69 1.57 16.42
CA LYS A 54 -4.24 2.56 15.49
C LYS A 54 -3.83 2.29 14.03
N THR A 55 -4.50 2.97 13.11
CA THR A 55 -4.18 2.90 11.69
C THR A 55 -2.86 3.62 11.40
N TRP A 56 -2.19 3.24 10.33
CA TRP A 56 -0.99 3.96 9.89
C TRP A 56 -1.21 5.44 9.83
N GLN A 57 -2.30 5.86 9.17
CA GLN A 57 -2.63 7.27 9.02
C GLN A 57 -2.77 7.98 10.37
N ALA A 58 -3.41 7.32 11.34
CA ALA A 58 -3.68 7.92 12.65
C ALA A 58 -2.40 8.24 13.42
N ASN A 59 -1.34 7.49 13.16
CA ASN A 59 -0.06 7.71 13.81
C ASN A 59 0.81 8.81 13.17
N LEU A 60 0.40 9.28 12.00
CA LEU A 60 1.07 10.35 11.28
C LEU A 60 0.56 11.71 11.75
N ARG A 61 1.47 12.55 12.24
CA ARG A 61 1.06 13.84 12.79
C ARG A 61 1.95 15.01 12.34
N LEU A 62 1.32 16.15 12.07
CA LEU A 62 2.04 17.36 11.74
C LEU A 62 2.76 17.90 12.97
N ILE A 63 4.02 18.29 12.80
CA ILE A 63 4.71 19.04 13.83
C ILE A 63 4.53 20.53 13.55
N SER A 64 5.07 21.00 12.43
CA SER A 64 5.45 22.40 12.32
C SER A 64 5.84 22.74 10.88
N LYS A 65 5.53 23.96 10.46
CA LYS A 65 5.90 24.46 9.14
C LYS A 65 6.90 25.61 9.28
N PHE A 66 7.57 25.92 8.17
CA PHE A 66 8.52 27.04 8.11
C PHE A 66 8.75 27.42 6.64
N ASP A 67 9.28 28.62 6.39
CA ASP A 67 9.59 29.03 5.01
C ASP A 67 10.75 30.01 4.93
N THR A 68 11.59 29.98 5.96
CA THR A 68 12.83 30.73 5.92
C THR A 68 13.96 29.82 6.42
N VAL A 69 15.20 30.22 6.14
CA VAL A 69 16.38 29.51 6.60
C VAL A 69 16.42 29.50 8.13
N GLU A 70 16.19 30.68 8.71
CA GLU A 70 16.23 30.84 10.17
C GLU A 70 15.19 29.96 10.87
N ASP A 71 13.96 29.96 10.36
CA ASP A 71 12.91 29.12 10.97
C ASP A 71 13.18 27.62 10.75
N PHE A 72 13.85 27.28 9.64
CA PHE A 72 14.28 25.90 9.49
C PHE A 72 15.16 25.50 10.68
N TRP A 73 16.22 26.27 10.95
CA TRP A 73 17.17 25.96 12.03
C TRP A 73 16.58 25.98 13.41
N ALA A 74 15.60 26.84 13.64
CA ALA A 74 14.92 26.91 14.92
C ALA A 74 14.19 25.60 15.18
N LEU A 75 13.58 25.03 14.13
CA LEU A 75 12.88 23.75 14.27
C LEU A 75 13.88 22.60 14.39
N TYR A 76 14.87 22.56 13.50
CA TYR A 76 15.87 21.48 13.49
C TYR A 76 16.65 21.38 14.81
N ASN A 77 17.07 22.54 15.33
CA ASN A 77 17.93 22.60 16.51
C ASN A 77 17.25 22.21 17.82
N HIS A 78 15.93 22.24 17.87
CA HIS A 78 15.23 21.88 19.12
C HIS A 78 14.63 20.49 19.08
N ILE A 79 14.65 19.85 17.92
CA ILE A 79 14.13 18.48 17.82
C ILE A 79 15.25 17.43 17.86
N GLN A 80 14.86 16.22 18.27
CA GLN A 80 15.72 15.05 18.42
C GLN A 80 16.40 14.68 17.10
N LEU A 81 17.67 14.28 17.14
CA LEU A 81 18.28 13.65 15.96
C LEU A 81 17.57 12.31 15.68
N SER A 82 17.48 11.93 14.41
CA SER A 82 16.83 10.66 14.01
C SER A 82 17.43 9.44 14.73
N SER A 83 18.73 9.46 14.94
CA SER A 83 19.43 8.34 15.61
C SER A 83 18.98 8.15 17.05
N ASN A 84 18.36 9.18 17.63
CA ASN A 84 17.84 9.13 19.00
C ASN A 84 16.37 8.74 19.07
N LEU A 85 15.67 8.73 17.94
CA LEU A 85 14.26 8.37 17.95
C LEU A 85 14.09 6.89 18.30
N MET A 86 12.95 6.57 18.90
CA MET A 86 12.58 5.19 19.15
C MET A 86 12.31 4.52 17.81
N PRO A 87 12.92 3.34 17.59
CA PRO A 87 12.68 2.61 16.34
C PRO A 87 11.18 2.39 16.08
N GLY A 88 10.75 2.64 14.85
CA GLY A 88 9.34 2.60 14.50
C GLY A 88 8.82 3.99 14.16
N CYS A 89 9.62 4.99 14.49
CA CYS A 89 9.27 6.39 14.26
C CYS A 89 9.87 6.92 12.97
N ASP A 90 9.19 7.90 12.37
CA ASP A 90 9.69 8.59 11.19
C ASP A 90 9.66 10.08 11.37
N TYR A 91 10.58 10.78 10.69
CA TYR A 91 10.38 12.18 10.33
C TYR A 91 10.04 12.25 8.85
N SER A 92 9.26 13.25 8.47
CA SER A 92 8.98 13.54 7.06
C SER A 92 8.94 15.05 6.83
N LEU A 93 9.77 15.53 5.90
CA LEU A 93 9.71 16.93 5.46
C LEU A 93 9.08 17.01 4.08
N PHE A 94 7.93 17.66 4.00
CA PHE A 94 7.17 17.74 2.76
C PHE A 94 6.68 19.16 2.46
N LYS A 95 6.66 19.47 1.17
CA LYS A 95 6.10 20.72 0.67
C LYS A 95 4.72 20.94 1.27
N ASP A 96 4.55 22.12 1.87
CA ASP A 96 3.26 22.56 2.35
C ASP A 96 2.14 22.17 1.37
N GLY A 97 1.11 21.51 1.88
CA GLY A 97 0.01 21.03 1.06
C GLY A 97 0.18 19.65 0.45
N ILE A 98 1.33 19.01 0.69
CA ILE A 98 1.55 17.61 0.27
C ILE A 98 1.71 16.73 1.51
N GLU A 99 0.78 15.80 1.70
CA GLU A 99 0.84 14.88 2.82
C GLU A 99 1.85 13.76 2.55
N PRO A 100 2.61 13.36 3.57
CA PRO A 100 3.68 12.36 3.38
C PRO A 100 3.14 10.93 3.26
N MET A 101 2.24 10.72 2.31
CA MET A 101 1.61 9.43 2.06
C MET A 101 1.38 9.19 0.56
N TRP A 102 1.49 7.94 0.14
CA TRP A 102 1.26 7.56 -1.25
C TRP A 102 0.01 8.20 -1.80
N GLU A 103 -1.00 8.30 -0.96
CA GLU A 103 -2.36 8.58 -1.41
C GLU A 103 -2.59 10.05 -1.78
N ASP A 104 -1.69 10.93 -1.33
CA ASP A 104 -1.69 12.31 -1.77
C ASP A 104 -1.60 12.39 -3.30
N GLU A 105 -2.37 13.32 -3.87
CA GLU A 105 -2.44 13.59 -5.32
C GLU A 105 -1.07 13.69 -5.98
N LYS A 106 -0.17 14.39 -5.30
CA LYS A 106 1.18 14.61 -5.77
C LYS A 106 2.10 13.42 -5.51
N ASN A 107 1.63 12.43 -4.75
CA ASN A 107 2.43 11.24 -4.48
C ASN A 107 1.96 9.99 -5.25
N LYS A 108 0.67 9.93 -5.59
CA LYS A 108 0.09 8.68 -6.13
C LYS A 108 0.79 8.14 -7.39
N ARG A 109 1.12 9.02 -8.32
CA ARG A 109 1.82 8.63 -9.56
C ARG A 109 3.34 8.71 -9.39
N GLY A 110 3.77 8.96 -8.15
CA GLY A 110 5.18 9.20 -7.86
C GLY A 110 5.94 7.98 -7.37
N GLY A 111 7.06 8.26 -6.71
CA GLY A 111 7.96 7.23 -6.20
C GLY A 111 9.12 7.86 -5.46
N ARG A 112 10.07 7.02 -5.05
CA ARG A 112 11.10 7.45 -4.12
C ARG A 112 12.49 6.94 -4.49
N TRP A 113 13.49 7.80 -4.30
CA TRP A 113 14.88 7.37 -4.23
C TRP A 113 15.12 6.92 -2.83
N LEU A 114 15.56 5.67 -2.70
CA LEU A 114 15.63 5.01 -1.41
C LEU A 114 17.07 4.74 -1.00
N ILE A 115 17.44 5.22 0.19
CA ILE A 115 18.73 4.92 0.78
C ILE A 115 18.49 3.91 1.89
N THR A 116 19.17 2.77 1.80
CA THR A 116 19.05 1.68 2.76
C THR A 116 20.33 1.63 3.58
N LEU A 117 20.19 1.77 4.90
CA LEU A 117 21.34 1.83 5.78
C LEU A 117 21.39 0.59 6.64
N ASN A 118 22.59 0.01 6.77
CA ASN A 118 22.79 -1.11 7.68
C ASN A 118 22.79 -0.65 9.14
N LYS A 119 22.81 -1.62 10.05
CA LYS A 119 22.66 -1.35 11.47
C LYS A 119 23.75 -0.43 12.03
N GLN A 120 24.96 -0.53 11.50
CA GLN A 120 26.10 0.28 11.97
C GLN A 120 26.00 1.73 11.48
N GLN A 121 25.26 1.93 10.39
CA GLN A 121 25.18 3.26 9.78
C GLN A 121 24.27 4.22 10.52
N ARG A 122 23.50 3.73 11.48
CA ARG A 122 22.74 4.63 12.34
C ARG A 122 23.68 5.60 13.06
N ARG A 123 24.77 5.07 13.61
CA ARG A 123 25.79 5.87 14.31
C ARG A 123 26.61 6.77 13.37
N SER A 124 27.04 6.24 12.23
CA SER A 124 27.96 6.99 11.36
C SER A 124 27.31 7.90 10.31
N ASP A 125 26.18 7.49 9.72
CA ASP A 125 25.67 8.17 8.53
C ASP A 125 24.28 8.78 8.64
N LEU A 126 23.40 8.12 9.40
CA LEU A 126 21.99 8.45 9.45
C LEU A 126 21.75 9.97 9.58
N ASP A 127 22.23 10.56 10.68
CA ASP A 127 21.98 12.00 10.93
C ASP A 127 22.59 12.90 9.87
N ARG A 128 23.81 12.56 9.44
CA ARG A 128 24.52 13.26 8.38
C ARG A 128 23.72 13.26 7.06
N PHE A 129 23.27 12.07 6.65
CA PHE A 129 22.51 11.90 5.40
C PHE A 129 21.15 12.56 5.46
N TRP A 130 20.51 12.53 6.62
CA TRP A 130 19.21 13.16 6.80
C TRP A 130 19.32 14.65 6.75
N LEU A 131 20.29 15.20 7.48
CA LEU A 131 20.55 16.65 7.42
C LEU A 131 20.86 17.09 5.99
N GLU A 132 21.68 16.33 5.27
CA GLU A 132 22.01 16.66 3.88
C GLU A 132 20.79 16.67 2.98
N THR A 133 19.93 15.68 3.20
CA THR A 133 18.65 15.59 2.51
C THR A 133 17.77 16.83 2.74
N LEU A 134 17.65 17.26 3.99
CA LEU A 134 16.86 18.46 4.29
C LEU A 134 17.43 19.65 3.53
N LEU A 135 18.76 19.76 3.51
CA LEU A 135 19.44 20.85 2.82
C LEU A 135 19.15 20.87 1.32
N CYS A 136 19.18 19.69 0.70
CA CYS A 136 18.85 19.51 -0.71
C CYS A 136 17.43 20.00 -0.98
N LEU A 137 16.51 19.62 -0.09
CA LEU A 137 15.12 20.03 -0.19
C LEU A 137 14.96 21.55 -0.07
N ILE A 138 15.30 22.10 1.10
CA ILE A 138 15.05 23.53 1.37
C ILE A 138 15.86 24.47 0.50
N GLY A 139 17.06 24.03 0.13
CA GLY A 139 17.92 24.85 -0.75
C GLY A 139 17.58 24.73 -2.21
N GLU A 140 16.59 23.90 -2.53
CA GLU A 140 16.21 23.61 -3.92
C GLU A 140 17.41 23.12 -4.77
N SER A 141 18.18 22.17 -4.24
CA SER A 141 19.37 21.64 -4.94
C SER A 141 19.09 20.93 -6.27
N PHE A 142 17.82 20.75 -6.61
CA PHE A 142 17.45 19.97 -7.80
C PHE A 142 17.12 20.82 -9.00
N ASP A 143 17.43 22.11 -8.87
CA ASP A 143 17.40 23.10 -9.96
C ASP A 143 16.10 23.07 -10.75
N ASP A 144 16.21 22.86 -12.06
CA ASP A 144 15.04 22.83 -12.94
C ASP A 144 13.99 21.79 -12.52
N TYR A 145 14.38 20.77 -11.75
CA TYR A 145 13.42 19.72 -11.38
C TYR A 145 12.88 19.82 -9.94
N SER A 146 13.02 21.00 -9.35
CA SER A 146 12.56 21.24 -7.99
C SER A 146 11.07 20.98 -7.83
N ASP A 147 10.30 21.29 -8.89
CA ASP A 147 8.85 21.07 -8.89
C ASP A 147 8.44 19.62 -8.88
N ASP A 148 9.37 18.72 -9.20
CA ASP A 148 9.08 17.28 -9.15
C ASP A 148 9.25 16.70 -7.75
N VAL A 149 10.00 17.40 -6.91
CA VAL A 149 10.28 16.95 -5.55
C VAL A 149 9.07 17.23 -4.65
N CYS A 150 8.56 16.19 -3.99
CA CYS A 150 7.43 16.31 -3.08
C CYS A 150 7.86 16.50 -1.63
N GLY A 151 8.98 15.86 -1.28
CA GLY A 151 9.48 15.86 0.09
C GLY A 151 10.40 14.67 0.33
N ALA A 152 10.70 14.40 1.60
CA ALA A 152 11.61 13.33 2.00
C ALA A 152 11.19 12.63 3.30
N VAL A 153 11.64 11.39 3.50
CA VAL A 153 11.26 10.56 4.65
C VAL A 153 12.45 9.79 5.21
N VAL A 154 12.61 9.83 6.54
CA VAL A 154 13.56 8.97 7.24
C VAL A 154 12.79 8.04 8.15
N ASN A 155 12.98 6.73 7.94
CA ASN A 155 12.41 5.71 8.81
C ASN A 155 13.47 5.16 9.74
N VAL A 156 13.21 5.24 11.04
CA VAL A 156 14.11 4.65 12.03
C VAL A 156 13.60 3.24 12.36
N ARG A 157 14.39 2.22 12.00
CA ARG A 157 13.97 0.82 12.07
C ARG A 157 15.09 -0.09 12.56
N ALA A 158 14.72 -1.02 13.45
CA ALA A 158 15.64 -2.03 14.00
C ALA A 158 16.41 -2.78 12.92
N LYS A 159 15.73 -3.25 11.87
CA LYS A 159 16.40 -4.01 10.79
C LYS A 159 17.25 -3.14 9.85
N GLY A 160 17.09 -1.82 9.93
CA GLY A 160 17.91 -0.93 9.13
C GLY A 160 17.17 0.34 8.77
N ASP A 161 17.79 1.48 9.03
CA ASP A 161 17.17 2.78 8.77
C ASP A 161 17.11 3.07 7.29
N LYS A 162 16.09 3.83 6.88
CA LYS A 162 15.89 4.23 5.50
C LYS A 162 15.73 5.74 5.38
N ILE A 163 16.33 6.32 4.34
CA ILE A 163 16.05 7.71 3.96
C ILE A 163 15.64 7.72 2.50
N ALA A 164 14.69 8.58 2.16
CA ALA A 164 14.17 8.63 0.81
C ALA A 164 13.69 10.03 0.42
N ILE A 165 13.98 10.42 -0.83
CA ILE A 165 13.36 11.57 -1.47
C ILE A 165 12.19 11.08 -2.32
N TRP A 166 11.02 11.68 -2.11
CA TRP A 166 9.81 11.40 -2.86
C TRP A 166 9.62 12.39 -4.00
N THR A 167 9.43 11.87 -5.21
CA THR A 167 9.14 12.73 -6.37
C THR A 167 7.74 12.45 -6.91
N THR A 168 7.22 13.36 -7.73
CA THR A 168 5.79 13.38 -8.06
C THR A 168 5.34 12.41 -9.16
N GLU A 169 6.24 12.08 -10.07
CA GLU A 169 5.85 11.32 -11.26
C GLU A 169 6.92 10.32 -11.63
N CYS A 170 6.61 9.04 -11.52
CA CYS A 170 7.61 8.01 -11.78
C CYS A 170 7.93 7.84 -13.28
N GLU A 171 7.06 8.36 -14.16
CA GLU A 171 7.27 8.29 -15.61
C GLU A 171 8.16 9.41 -16.13
N ASN A 172 8.37 10.45 -15.30
CA ASN A 172 9.23 11.57 -15.66
C ASN A 172 10.68 11.14 -15.55
N ARG A 173 11.14 10.38 -16.55
CA ARG A 173 12.48 9.79 -16.49
C ARG A 173 13.60 10.82 -16.35
N GLU A 174 13.53 11.92 -17.14
CA GLU A 174 14.53 12.98 -17.06
C GLU A 174 14.65 13.60 -15.66
N ALA A 175 13.51 13.95 -15.06
CA ALA A 175 13.47 14.52 -13.72
C ALA A 175 13.90 13.53 -12.63
N VAL A 176 13.28 12.35 -12.60
CA VAL A 176 13.60 11.32 -11.61
C VAL A 176 15.10 11.03 -11.60
N THR A 177 15.67 10.86 -12.79
CA THR A 177 17.06 10.50 -12.97
C THR A 177 18.03 11.64 -12.58
N HIS A 178 17.68 12.88 -12.94
CA HIS A 178 18.45 14.05 -12.50
C HIS A 178 18.54 14.12 -11.00
N ILE A 179 17.41 13.89 -10.32
CA ILE A 179 17.29 14.01 -8.87
C ILE A 179 18.16 12.96 -8.17
N GLY A 180 18.02 11.72 -8.62
CA GLY A 180 18.90 10.61 -8.19
C GLY A 180 20.37 10.96 -8.26
N ARG A 181 20.82 11.40 -9.43
CA ARG A 181 22.22 11.75 -9.63
C ARG A 181 22.69 12.85 -8.66
N VAL A 182 21.93 13.95 -8.57
CA VAL A 182 22.25 15.05 -7.65
C VAL A 182 22.35 14.56 -6.20
N TYR A 183 21.36 13.77 -5.77
CA TYR A 183 21.23 13.27 -4.41
C TYR A 183 22.37 12.37 -4.00
N LYS A 184 22.68 11.38 -4.84
CA LYS A 184 23.83 10.51 -4.61
C LYS A 184 25.14 11.28 -4.40
N GLU A 185 25.44 12.21 -5.29
CA GLU A 185 26.67 12.98 -5.17
C GLU A 185 26.69 13.86 -3.94
N ARG A 186 25.54 14.48 -3.61
CA ARG A 186 25.41 15.27 -2.39
C ARG A 186 25.61 14.42 -1.14
N LEU A 187 25.12 13.19 -1.17
CA LEU A 187 25.35 12.24 -0.08
C LEU A 187 26.77 11.69 -0.08
N GLY A 188 27.50 11.90 -1.18
CA GLY A 188 28.89 11.48 -1.30
C GLY A 188 29.08 9.98 -1.46
N LEU A 189 28.07 9.29 -1.98
CA LEU A 189 28.15 7.85 -2.18
C LEU A 189 28.91 7.50 -3.46
N PRO A 190 29.84 6.51 -3.38
CA PRO A 190 30.68 6.11 -4.52
C PRO A 190 29.91 5.33 -5.58
N PRO A 191 30.45 5.25 -6.81
CA PRO A 191 29.80 4.50 -7.89
C PRO A 191 29.37 3.06 -7.56
N LYS A 192 30.11 2.39 -6.67
CA LYS A 192 29.79 1.00 -6.28
C LYS A 192 28.50 0.87 -5.46
N ILE A 193 28.12 1.93 -4.74
CA ILE A 193 26.88 1.90 -3.98
C ILE A 193 25.73 2.22 -4.93
N VAL A 194 24.83 1.26 -5.11
CA VAL A 194 23.72 1.38 -6.06
C VAL A 194 22.46 1.74 -5.28
N ILE A 195 21.85 2.87 -5.62
CA ILE A 195 20.59 3.27 -5.00
C ILE A 195 19.44 3.25 -6.03
N GLY A 196 18.28 2.73 -5.61
CA GLY A 196 17.17 2.50 -6.52
C GLY A 196 15.96 3.42 -6.33
N TYR A 197 15.16 3.52 -7.38
CA TYR A 197 13.92 4.29 -7.34
C TYR A 197 12.75 3.37 -7.62
N GLN A 198 11.82 3.27 -6.68
CA GLN A 198 10.59 2.50 -6.88
C GLN A 198 9.40 3.44 -6.91
N SER A 199 8.37 3.09 -7.67
CA SER A 199 7.13 3.85 -7.63
C SER A 199 6.38 3.45 -6.38
N HIS A 200 5.56 4.36 -5.86
CA HIS A 200 4.74 4.09 -4.69
C HIS A 200 3.64 3.11 -4.99
N ALA A 201 3.19 3.10 -6.25
CA ALA A 201 2.17 2.17 -6.70
C ALA A 201 2.67 0.74 -6.55
N ASP A 202 3.94 0.51 -6.90
CA ASP A 202 4.60 -0.78 -6.69
C ASP A 202 4.78 -1.11 -5.21
N THR A 203 5.23 -0.11 -4.43
CA THR A 203 5.45 -0.29 -3.01
C THR A 203 4.15 -0.66 -2.31
N ALA A 204 3.07 0.02 -2.66
CA ALA A 204 1.77 -0.15 -2.03
C ALA A 204 1.10 -1.50 -2.36
N THR A 205 1.54 -2.15 -3.42
CA THR A 205 0.74 -3.19 -4.07
C THR A 205 1.54 -4.47 -4.36
N LYS A 206 2.82 -4.47 -4.01
CA LYS A 206 3.70 -5.62 -4.25
C LYS A 206 4.65 -5.86 -3.07
N SER A 207 5.32 -7.02 -3.07
CA SER A 207 6.36 -7.30 -2.08
C SER A 207 7.68 -6.63 -2.50
N GLY A 208 8.58 -6.44 -1.54
CA GLY A 208 9.88 -5.80 -1.80
C GLY A 208 10.78 -6.60 -2.72
N LYS A 212 11.30 -4.52 -7.63
CA LYS A 212 12.30 -4.08 -8.60
C LYS A 212 12.42 -2.56 -8.66
N ASN A 213 13.62 -2.08 -9.00
CA ASN A 213 13.87 -0.66 -9.22
C ASN A 213 13.50 -0.24 -10.63
N ARG A 214 12.76 0.87 -10.77
CA ARG A 214 12.51 1.48 -12.07
C ARG A 214 13.78 2.13 -12.61
N PHE A 215 14.57 2.71 -11.70
CA PHE A 215 15.87 3.30 -12.04
C PHE A 215 16.88 3.01 -10.94
N VAL A 216 18.16 3.00 -11.32
CA VAL A 216 19.25 2.94 -10.35
C VAL A 216 20.19 4.10 -10.58
N VAL A 217 20.96 4.44 -9.56
CA VAL A 217 21.94 5.52 -9.62
C VAL A 217 23.14 5.20 -8.72
C ACE B 1 11.70 32.71 -6.65
O ACE B 1 11.06 32.11 -5.80
CH3 ACE B 1 12.19 34.11 -6.33
N LYS B 2 12.31 32.08 -7.66
CA LYS B 2 13.29 30.98 -7.44
C LYS B 2 14.33 31.37 -6.38
N LYS B 3 14.45 30.56 -5.34
CA LYS B 3 15.46 30.76 -4.32
C LYS B 3 16.26 29.48 -4.18
N ARG B 4 17.54 29.55 -4.52
CA ARG B 4 18.43 28.43 -4.33
C ARG B 4 19.51 28.81 -3.34
N TYR B 5 19.83 27.87 -2.44
CA TYR B 5 20.84 28.09 -1.42
C TYR B 5 21.80 26.90 -1.43
N SER B 6 23.10 27.19 -1.41
CA SER B 6 24.11 26.13 -1.35
C SER B 6 24.12 25.55 0.07
N ARG B 7 24.73 24.39 0.25
CA ARG B 7 24.82 23.77 1.57
C ARG B 7 25.68 24.59 2.55
N GLU B 8 26.69 25.27 2.03
CA GLU B 8 27.62 26.08 2.86
C GLU B 8 26.91 27.33 3.38
N PHE B 9 26.14 27.97 2.51
CA PHE B 9 25.31 29.10 2.92
C PHE B 9 24.34 28.71 4.05
N LEU B 10 23.59 27.63 3.82
CA LEU B 10 22.59 27.14 4.79
C LEU B 10 23.21 26.78 6.13
N LEU B 11 24.35 26.09 6.09
CA LEU B 11 25.06 25.66 7.31
C LEU B 11 25.62 26.83 8.12
N GLY B 12 25.85 27.96 7.46
CA GLY B 12 26.27 29.19 8.14
C GLY B 12 25.23 29.73 9.12
N PHE B 13 23.96 29.40 8.89
CA PHE B 13 22.88 29.79 9.78
C PHE B 13 22.64 28.80 10.92
N NH2 B 14 23.32 27.67 10.86
N GLU C 27 14.35 -39.45 -21.20
CA GLU C 27 13.37 -40.28 -21.97
C GLU C 27 11.97 -40.32 -21.32
N VAL C 28 11.71 -39.47 -20.34
CA VAL C 28 10.32 -39.27 -19.87
C VAL C 28 9.65 -38.12 -20.63
N ALA C 29 8.32 -38.09 -20.62
CA ALA C 29 7.53 -37.03 -21.27
C ALA C 29 7.75 -35.65 -20.62
N ASN C 30 7.50 -34.60 -21.40
CA ASN C 30 7.62 -33.23 -20.92
C ASN C 30 6.36 -32.81 -20.15
N PRO C 31 6.49 -32.63 -18.81
CA PRO C 31 5.39 -32.26 -17.91
C PRO C 31 4.55 -31.11 -18.44
N GLU C 32 5.21 -30.16 -19.08
CA GLU C 32 4.55 -29.01 -19.66
C GLU C 32 3.42 -29.42 -20.63
N HIS C 33 3.57 -30.54 -21.32
CA HIS C 33 2.64 -30.95 -22.37
C HIS C 33 1.33 -31.50 -21.89
N TYR C 34 1.30 -32.00 -20.65
CA TYR C 34 0.16 -32.80 -20.20
C TYR C 34 -0.31 -32.57 -18.77
N ILE C 35 0.51 -31.95 -17.92
CA ILE C 35 0.09 -31.76 -16.52
C ILE C 35 -0.85 -30.57 -16.40
N LYS C 36 -1.79 -30.64 -15.45
CA LYS C 36 -2.61 -29.48 -15.11
C LYS C 36 -1.76 -28.49 -14.32
N HIS C 37 -2.14 -27.22 -14.34
CA HIS C 37 -1.35 -26.17 -13.71
C HIS C 37 -1.75 -26.04 -12.28
N PRO C 38 -0.91 -26.55 -11.36
CA PRO C 38 -1.30 -26.66 -9.95
C PRO C 38 -1.47 -25.30 -9.29
N LEU C 39 -2.48 -25.19 -8.44
CA LEU C 39 -2.65 -23.96 -7.68
C LEU C 39 -1.85 -24.06 -6.40
N GLN C 40 -1.53 -22.90 -5.83
CA GLN C 40 -0.88 -22.82 -4.54
C GLN C 40 -1.72 -23.51 -3.48
N ASN C 41 -3.02 -23.23 -3.48
CA ASN C 41 -3.95 -23.84 -2.54
C ASN C 41 -5.03 -24.68 -3.19
N ARG C 42 -5.64 -25.58 -2.42
CA ARG C 42 -6.91 -26.17 -2.80
C ARG C 42 -8.01 -25.23 -2.32
N TRP C 43 -9.02 -25.04 -3.15
CA TRP C 43 -10.14 -24.16 -2.81
C TRP C 43 -11.45 -24.90 -2.83
N ALA C 44 -12.31 -24.57 -1.88
CA ALA C 44 -13.63 -25.16 -1.82
C ALA C 44 -14.66 -24.07 -2.14
N LEU C 45 -15.59 -24.39 -3.05
CA LEU C 45 -16.69 -23.49 -3.41
C LEU C 45 -17.98 -23.91 -2.70
N TRP C 46 -18.57 -22.99 -1.94
CA TRP C 46 -19.82 -23.24 -1.22
C TRP C 46 -20.95 -22.44 -1.82
N PHE C 47 -22.18 -22.92 -1.58
CA PHE C 47 -23.38 -22.24 -1.99
C PHE C 47 -24.33 -22.11 -0.80
N PHE C 48 -24.94 -20.94 -0.69
CA PHE C 48 -25.95 -20.69 0.32
C PHE C 48 -27.26 -20.38 -0.39
N LYS C 49 -28.33 -21.06 0.01
CA LYS C 49 -29.67 -20.71 -0.44
C LYS C 49 -30.55 -20.41 0.76
N ASN C 50 -31.19 -19.25 0.75
CA ASN C 50 -31.99 -18.87 1.90
C ASN C 50 -33.23 -19.75 2.00
N ASP C 51 -33.53 -20.13 3.24
CA ASP C 51 -34.64 -20.99 3.56
C ASP C 51 -34.98 -20.72 5.02
N LYS C 52 -35.87 -19.76 5.24
CA LYS C 52 -36.20 -19.26 6.57
C LYS C 52 -36.59 -20.31 7.62
N SER C 53 -37.04 -21.48 7.17
CA SER C 53 -37.41 -22.56 8.05
C SER C 53 -36.22 -23.19 8.76
N LYS C 54 -35.02 -22.96 8.23
CA LYS C 54 -33.79 -23.57 8.76
C LYS C 54 -32.82 -22.56 9.34
N THR C 55 -31.78 -23.06 10.01
CA THR C 55 -30.69 -22.21 10.50
C THR C 55 -29.81 -21.73 9.34
N TRP C 56 -29.08 -20.63 9.57
CA TRP C 56 -28.15 -20.10 8.59
C TRP C 56 -27.15 -21.15 8.19
N GLN C 57 -26.57 -21.82 9.18
CA GLN C 57 -25.59 -22.88 8.98
C GLN C 57 -26.12 -24.02 8.11
N ALA C 58 -27.39 -24.39 8.33
CA ALA C 58 -28.03 -25.48 7.59
C ALA C 58 -28.17 -25.17 6.11
N ASN C 59 -28.25 -23.88 5.79
CA ASN C 59 -28.35 -23.42 4.40
C ASN C 59 -27.01 -23.33 3.64
N LEU C 60 -25.91 -23.49 4.36
CA LEU C 60 -24.58 -23.45 3.79
C LEU C 60 -24.17 -24.85 3.33
N ARG C 61 -23.86 -25.01 2.05
CA ARG C 61 -23.48 -26.32 1.50
C ARG C 61 -22.27 -26.24 0.58
N LEU C 62 -21.37 -27.20 0.71
CA LEU C 62 -20.24 -27.34 -0.19
C LEU C 62 -20.72 -27.82 -1.56
N ILE C 63 -20.19 -27.20 -2.62
CA ILE C 63 -20.36 -27.72 -3.97
C ILE C 63 -19.23 -28.72 -4.22
N SER C 64 -18.01 -28.22 -4.35
CA SER C 64 -16.85 -29.02 -4.74
C SER C 64 -15.54 -28.25 -4.57
N LYS C 65 -14.44 -28.97 -4.71
CA LYS C 65 -13.10 -28.44 -4.52
C LYS C 65 -12.26 -28.60 -5.79
N PHE C 66 -11.20 -27.81 -5.90
CA PHE C 66 -10.29 -27.86 -7.04
C PHE C 66 -8.92 -27.33 -6.60
N ASP C 67 -7.86 -27.73 -7.30
CA ASP C 67 -6.51 -27.23 -6.99
C ASP C 67 -5.61 -27.08 -8.22
N THR C 68 -6.24 -26.89 -9.37
CA THR C 68 -5.52 -26.61 -10.60
C THR C 68 -6.30 -25.52 -11.33
N VAL C 69 -5.66 -24.82 -12.26
CA VAL C 69 -6.31 -23.82 -13.08
C VAL C 69 -7.45 -24.45 -13.90
N GLU C 70 -7.14 -25.53 -14.61
CA GLU C 70 -8.13 -26.23 -15.45
C GLU C 70 -9.38 -26.66 -14.68
N ASP C 71 -9.19 -27.17 -13.46
CA ASP C 71 -10.33 -27.58 -12.64
C ASP C 71 -11.14 -26.40 -12.13
N PHE C 72 -10.47 -25.26 -11.86
CA PHE C 72 -11.20 -24.04 -11.53
C PHE C 72 -12.19 -23.68 -12.64
N TRP C 73 -11.70 -23.57 -13.87
CA TRP C 73 -12.55 -23.20 -15.00
C TRP C 73 -13.62 -24.21 -15.31
N ALA C 74 -13.34 -25.50 -15.05
CA ALA C 74 -14.36 -26.53 -15.23
C ALA C 74 -15.55 -26.27 -14.33
N LEU C 75 -15.27 -25.88 -13.08
CA LEU C 75 -16.32 -25.57 -12.12
C LEU C 75 -17.02 -24.25 -12.43
N TYR C 76 -16.23 -23.19 -12.64
CA TYR C 76 -16.76 -21.86 -12.91
C TYR C 76 -17.66 -21.85 -14.17
N ASN C 77 -17.24 -22.59 -15.20
CA ASN C 77 -17.93 -22.57 -16.48
C ASN C 77 -19.24 -23.34 -16.51
N HIS C 78 -19.50 -24.17 -15.50
CA HIS C 78 -20.77 -24.90 -15.48
C HIS C 78 -21.77 -24.38 -14.49
N ILE C 79 -21.37 -23.42 -13.68
CA ILE C 79 -22.25 -22.84 -12.67
C ILE C 79 -22.78 -21.47 -13.08
N GLN C 80 -23.92 -21.09 -12.52
CA GLN C 80 -24.61 -19.82 -12.80
C GLN C 80 -23.78 -18.59 -12.41
N LEU C 81 -23.86 -17.53 -13.20
CA LEU C 81 -23.29 -16.25 -12.80
C LEU C 81 -24.06 -15.75 -11.58
N SER C 82 -23.41 -14.92 -10.76
CA SER C 82 -24.00 -14.41 -9.52
C SER C 82 -25.24 -13.58 -9.81
N SER C 83 -25.20 -12.83 -10.91
CA SER C 83 -26.33 -11.98 -11.30
C SER C 83 -27.56 -12.79 -11.64
N ASN C 84 -27.40 -14.11 -11.82
CA ASN C 84 -28.52 -14.99 -12.16
C ASN C 84 -29.09 -15.76 -10.98
N LEU C 85 -28.44 -15.65 -9.82
CA LEU C 85 -28.89 -16.37 -8.63
C LEU C 85 -30.12 -15.70 -8.03
N MET C 86 -30.96 -16.47 -7.35
CA MET C 86 -32.08 -15.91 -6.62
C MET C 86 -31.53 -15.06 -5.48
N PRO C 87 -32.04 -13.82 -5.35
CA PRO C 87 -31.66 -12.99 -4.22
C PRO C 87 -31.82 -13.71 -2.89
N GLY C 88 -30.80 -13.61 -2.04
CA GLY C 88 -30.77 -14.36 -0.80
C GLY C 88 -29.72 -15.45 -0.82
N CYS C 89 -29.20 -15.75 -2.01
CA CYS C 89 -28.17 -16.75 -2.21
C CYS C 89 -26.74 -16.18 -2.20
N ASP C 90 -25.76 -17.00 -1.81
CA ASP C 90 -24.34 -16.62 -1.84
C ASP C 90 -23.51 -17.71 -2.51
N TYR C 91 -22.42 -17.29 -3.14
CA TYR C 91 -21.27 -18.17 -3.42
C TYR C 91 -20.17 -17.78 -2.45
N SER C 92 -19.37 -18.77 -2.05
CA SER C 92 -18.22 -18.53 -1.18
C SER C 92 -17.05 -19.42 -1.62
N LEU C 93 -15.89 -18.83 -1.87
CA LEU C 93 -14.71 -19.59 -2.20
C LEU C 93 -13.68 -19.47 -1.10
N PHE C 94 -13.39 -20.59 -0.44
CA PHE C 94 -12.52 -20.60 0.71
C PHE C 94 -11.45 -21.68 0.59
N LYS C 95 -10.28 -21.42 1.17
CA LYS C 95 -9.23 -22.43 1.26
C LYS C 95 -9.79 -23.69 1.85
N ASP C 96 -9.46 -24.82 1.23
CA ASP C 96 -9.78 -26.12 1.78
C ASP C 96 -9.42 -26.08 3.27
N GLY C 97 -10.35 -26.54 4.11
CA GLY C 97 -10.15 -26.49 5.55
C GLY C 97 -10.77 -25.30 6.28
N ILE C 98 -11.13 -24.26 5.54
CA ILE C 98 -11.76 -23.09 6.17
C ILE C 98 -13.21 -22.97 5.77
N GLU C 99 -14.11 -23.19 6.73
CA GLU C 99 -15.54 -22.96 6.49
C GLU C 99 -15.84 -21.46 6.37
N PRO C 100 -16.70 -21.09 5.42
CA PRO C 100 -17.07 -19.69 5.17
C PRO C 100 -18.01 -19.12 6.24
N MET C 101 -17.66 -19.31 7.50
CA MET C 101 -18.39 -18.73 8.62
C MET C 101 -17.43 -18.11 9.63
N TRP C 102 -17.88 -17.04 10.28
CA TRP C 102 -17.08 -16.36 11.30
C TRP C 102 -16.50 -17.33 12.29
N GLU C 103 -17.26 -18.36 12.62
CA GLU C 103 -16.97 -19.24 13.75
C GLU C 103 -15.79 -20.17 13.48
N ASP C 104 -15.36 -20.26 12.23
CA ASP C 104 -14.16 -20.99 11.89
C ASP C 104 -12.95 -20.34 12.61
N GLU C 105 -12.05 -21.19 13.09
CA GLU C 105 -10.81 -20.78 13.78
C GLU C 105 -9.95 -19.78 13.02
N LYS C 106 -9.97 -19.89 11.70
CA LYS C 106 -9.21 -18.97 10.86
C LYS C 106 -10.00 -17.73 10.49
N ASN C 107 -11.28 -17.69 10.86
CA ASN C 107 -12.14 -16.53 10.58
C ASN C 107 -12.49 -15.66 11.78
N LYS C 108 -12.61 -16.27 12.97
CA LYS C 108 -13.15 -15.59 14.15
C LYS C 108 -12.34 -14.38 14.64
N ARG C 109 -11.03 -14.39 14.43
CA ARG C 109 -10.17 -13.27 14.78
C ARG C 109 -10.01 -12.31 13.59
N GLY C 110 -10.69 -12.63 12.48
CA GLY C 110 -10.49 -11.91 11.22
C GLY C 110 -11.56 -10.91 10.85
N GLY C 111 -11.62 -10.61 9.57
CA GLY C 111 -12.59 -9.67 9.05
C GLY C 111 -12.56 -9.62 7.53
N ARG C 112 -13.32 -8.68 6.97
CA ARG C 112 -13.60 -8.66 5.55
C ARG C 112 -13.33 -7.29 4.93
N TRP C 113 -12.74 -7.30 3.74
CA TRP C 113 -12.77 -6.13 2.88
C TRP C 113 -14.08 -6.17 2.16
N LEU C 114 -14.90 -5.14 2.38
CA LEU C 114 -16.26 -5.16 1.87
C LEU C 114 -16.47 -4.21 0.70
N ILE C 115 -17.04 -4.76 -0.38
CA ILE C 115 -17.49 -3.99 -1.53
C ILE C 115 -19.01 -4.11 -1.59
N THR C 116 -19.68 -2.99 -1.35
CA THR C 116 -21.14 -2.91 -1.40
C THR C 116 -21.52 -2.28 -2.73
N LEU C 117 -22.36 -2.96 -3.49
CA LEU C 117 -22.74 -2.49 -4.81
C LEU C 117 -24.19 -1.99 -4.77
N ASN C 118 -24.52 -1.04 -5.64
CA ASN C 118 -25.89 -0.60 -5.77
C ASN C 118 -26.64 -1.50 -6.74
N LYS C 119 -27.95 -1.25 -6.87
CA LYS C 119 -28.82 -2.15 -7.62
C LYS C 119 -28.52 -2.18 -9.12
N GLN C 120 -27.94 -1.12 -9.65
CA GLN C 120 -27.60 -1.03 -11.08
C GLN C 120 -26.30 -1.80 -11.36
N GLN C 121 -25.52 -2.03 -10.30
CA GLN C 121 -24.24 -2.68 -10.42
C GLN C 121 -24.33 -4.20 -10.47
N ARG C 122 -25.50 -4.76 -10.18
CA ARG C 122 -25.73 -6.17 -10.45
C ARG C 122 -25.48 -6.46 -11.93
N ARG C 123 -26.00 -5.60 -12.80
CA ARG C 123 -25.86 -5.73 -14.25
C ARG C 123 -24.45 -5.44 -14.75
N SER C 124 -23.82 -4.38 -14.24
CA SER C 124 -22.57 -3.90 -14.81
C SER C 124 -21.28 -4.48 -14.21
N ASP C 125 -21.27 -4.68 -12.89
CA ASP C 125 -20.01 -4.96 -12.19
C ASP C 125 -19.95 -6.27 -11.40
N LEU C 126 -21.10 -6.69 -10.87
CA LEU C 126 -21.17 -7.84 -9.99
C LEU C 126 -20.35 -9.04 -10.49
N ASP C 127 -20.65 -9.51 -11.70
CA ASP C 127 -20.01 -10.71 -12.22
C ASP C 127 -18.53 -10.53 -12.48
N ARG C 128 -18.14 -9.40 -13.08
CA ARG C 128 -16.70 -9.18 -13.34
C ARG C 128 -15.88 -8.89 -12.07
N PHE C 129 -16.47 -8.23 -11.08
CA PHE C 129 -15.81 -8.04 -9.79
C PHE C 129 -15.60 -9.36 -9.09
N TRP C 130 -16.64 -10.20 -9.09
CA TRP C 130 -16.59 -11.52 -8.48
C TRP C 130 -15.61 -12.41 -9.18
N LEU C 131 -15.61 -12.41 -10.51
CA LEU C 131 -14.60 -13.18 -11.24
C LEU C 131 -13.20 -12.71 -10.88
N GLU C 132 -13.01 -11.39 -10.83
CA GLU C 132 -11.72 -10.81 -10.50
C GLU C 132 -11.25 -11.26 -9.12
N THR C 133 -12.17 -11.24 -8.16
CA THR C 133 -11.93 -11.73 -6.81
C THR C 133 -11.43 -13.18 -6.80
N LEU C 134 -12.11 -14.05 -7.54
CA LEU C 134 -11.69 -15.44 -7.65
C LEU C 134 -10.27 -15.55 -8.20
N LEU C 135 -9.97 -14.76 -9.23
CA LEU C 135 -8.62 -14.72 -9.82
C LEU C 135 -7.55 -14.27 -8.83
N CYS C 136 -7.85 -13.23 -8.05
CA CYS C 136 -6.97 -12.74 -6.97
C CYS C 136 -6.65 -13.86 -5.98
N LEU C 137 -7.69 -14.61 -5.61
CA LEU C 137 -7.57 -15.73 -4.68
C LEU C 137 -6.68 -16.85 -5.18
N ILE C 138 -7.11 -17.48 -6.27
CA ILE C 138 -6.45 -18.67 -6.80
C ILE C 138 -5.07 -18.34 -7.38
N GLY C 139 -4.95 -17.12 -7.91
CA GLY C 139 -3.68 -16.63 -8.43
C GLY C 139 -2.73 -16.16 -7.36
N GLU C 140 -3.17 -16.22 -6.10
CA GLU C 140 -2.40 -15.73 -4.95
C GLU C 140 -1.85 -14.32 -5.18
N SER C 141 -2.72 -13.39 -5.53
CA SER C 141 -2.30 -12.04 -5.92
C SER C 141 -1.84 -11.14 -4.77
N PHE C 142 -1.84 -11.66 -3.55
CA PHE C 142 -1.52 -10.85 -2.39
C PHE C 142 -0.11 -11.15 -1.85
N ASP C 143 0.77 -11.57 -2.76
CA ASP C 143 2.19 -11.76 -2.51
C ASP C 143 2.44 -12.49 -1.20
N ASP C 144 3.24 -11.85 -0.35
CA ASP C 144 3.63 -12.39 0.94
C ASP C 144 2.48 -12.52 1.94
N TYR C 145 1.31 -11.98 1.61
CA TYR C 145 0.18 -12.01 2.55
C TYR C 145 -0.89 -13.03 2.21
N SER C 146 -0.60 -13.89 1.25
CA SER C 146 -1.55 -14.91 0.82
C SER C 146 -2.08 -15.77 1.98
N ASP C 147 -1.21 -16.07 2.93
CA ASP C 147 -1.58 -16.85 4.11
C ASP C 147 -2.58 -16.19 5.04
N ASP C 148 -2.73 -14.88 4.96
CA ASP C 148 -3.75 -14.16 5.73
C ASP C 148 -5.12 -14.27 5.11
N VAL C 149 -5.15 -14.52 3.80
CA VAL C 149 -6.39 -14.63 3.04
C VAL C 149 -7.09 -15.97 3.34
N CYS C 150 -8.34 -15.88 3.78
CA CYS C 150 -9.13 -17.06 4.08
C CYS C 150 -9.99 -17.49 2.91
N GLY C 151 -10.51 -16.51 2.17
CA GLY C 151 -11.42 -16.78 1.07
C GLY C 151 -12.24 -15.56 0.73
N ALA C 152 -13.35 -15.76 0.03
CA ALA C 152 -14.20 -14.65 -0.42
C ALA C 152 -15.69 -15.03 -0.48
N VAL C 153 -16.56 -14.02 -0.37
CA VAL C 153 -18.01 -14.25 -0.42
C VAL C 153 -18.72 -13.18 -1.28
N VAL C 154 -19.62 -13.64 -2.14
CA VAL C 154 -20.54 -12.76 -2.86
C VAL C 154 -21.95 -13.02 -2.34
N ASN C 155 -22.61 -11.95 -1.92
CA ASN C 155 -24.00 -12.02 -1.48
C ASN C 155 -24.91 -11.41 -2.54
N VAL C 156 -25.84 -12.21 -3.06
CA VAL C 156 -26.83 -11.68 -3.98
C VAL C 156 -28.04 -11.24 -3.16
N ARG C 157 -28.29 -9.93 -3.14
CA ARG C 157 -29.29 -9.32 -2.25
C ARG C 157 -30.10 -8.24 -2.96
N ALA C 158 -31.39 -8.21 -2.66
CA ALA C 158 -32.33 -7.23 -3.23
C ALA C 158 -31.93 -5.79 -2.94
N LYS C 159 -31.47 -5.53 -1.71
CA LYS C 159 -31.10 -4.18 -1.28
C LYS C 159 -29.76 -3.73 -1.87
N GLY C 160 -29.00 -4.66 -2.45
CA GLY C 160 -27.71 -4.36 -3.04
C GLY C 160 -26.76 -5.51 -2.79
N ASP C 161 -25.99 -5.88 -3.80
CA ASP C 161 -25.10 -7.04 -3.70
C ASP C 161 -23.81 -6.69 -2.94
N LYS C 162 -23.18 -7.71 -2.35
CA LYS C 162 -21.92 -7.53 -1.63
C LYS C 162 -20.88 -8.55 -2.09
N ILE C 163 -19.64 -8.08 -2.25
CA ILE C 163 -18.49 -8.98 -2.41
C ILE C 163 -17.46 -8.65 -1.31
N ALA C 164 -16.86 -9.68 -0.73
CA ALA C 164 -15.91 -9.48 0.34
C ALA C 164 -14.77 -10.49 0.31
N ILE C 165 -13.55 -10.02 0.54
CA ILE C 165 -12.42 -10.91 0.84
C ILE C 165 -12.28 -11.00 2.35
N TRP C 166 -12.24 -12.23 2.85
CA TRP C 166 -12.04 -12.55 4.26
C TRP C 166 -10.61 -12.83 4.56
N THR C 167 -10.08 -12.17 5.60
CA THR C 167 -8.71 -12.40 6.05
C THR C 167 -8.70 -12.88 7.51
N THR C 168 -7.58 -13.47 7.92
CA THR C 168 -7.53 -14.26 9.15
C THR C 168 -7.42 -13.48 10.46
N GLU C 169 -6.81 -12.29 10.41
CA GLU C 169 -6.55 -11.53 11.63
C GLU C 169 -6.70 -10.03 11.42
N CYS C 170 -7.72 -9.45 12.07
CA CYS C 170 -7.98 -8.02 11.91
C CYS C 170 -6.89 -7.14 12.54
N GLU C 171 -6.08 -7.73 13.42
CA GLU C 171 -4.99 -7.02 14.09
C GLU C 171 -3.74 -6.91 13.24
N ASN C 172 -3.65 -7.73 12.19
CA ASN C 172 -2.49 -7.73 11.30
C ASN C 172 -2.59 -6.57 10.30
N ARG C 173 -2.27 -5.37 10.76
CA ARG C 173 -2.50 -4.15 9.99
C ARG C 173 -1.76 -4.11 8.65
N GLU C 174 -0.49 -4.52 8.66
CA GLU C 174 0.29 -4.59 7.41
C GLU C 174 -0.38 -5.52 6.40
N ALA C 175 -0.64 -6.76 6.81
CA ALA C 175 -1.34 -7.74 5.97
C ALA C 175 -2.69 -7.21 5.47
N VAL C 176 -3.55 -6.82 6.42
CA VAL C 176 -4.90 -6.35 6.11
C VAL C 176 -4.91 -5.22 5.08
N THR C 177 -4.10 -4.18 5.31
CA THR C 177 -4.10 -3.02 4.41
C THR C 177 -3.44 -3.29 3.05
N HIS C 178 -2.41 -4.14 3.01
CA HIS C 178 -1.83 -4.58 1.74
C HIS C 178 -2.84 -5.30 0.89
N ILE C 179 -3.63 -6.17 1.53
CA ILE C 179 -4.69 -6.91 0.83
C ILE C 179 -5.74 -5.95 0.25
N GLY C 180 -6.23 -5.02 1.07
CA GLY C 180 -7.13 -3.96 0.62
C GLY C 180 -6.63 -3.19 -0.59
N ARG C 181 -5.42 -2.63 -0.50
CA ARG C 181 -4.81 -1.90 -1.60
C ARG C 181 -4.70 -2.71 -2.89
N VAL C 182 -4.11 -3.91 -2.82
CA VAL C 182 -4.05 -4.80 -3.99
C VAL C 182 -5.45 -5.03 -4.57
N TYR C 183 -6.40 -5.38 -3.69
CA TYR C 183 -7.77 -5.70 -4.07
C TYR C 183 -8.50 -4.56 -4.77
N LYS C 184 -8.46 -3.37 -4.16
CA LYS C 184 -9.08 -2.19 -4.76
C LYS C 184 -8.51 -1.91 -6.15
N GLU C 185 -7.19 -1.96 -6.25
CA GLU C 185 -6.47 -1.79 -7.51
C GLU C 185 -6.91 -2.82 -8.55
N ARG C 186 -6.90 -4.10 -8.19
CA ARG C 186 -7.28 -5.18 -9.10
C ARG C 186 -8.72 -5.04 -9.62
N LEU C 187 -9.62 -4.55 -8.76
CA LEU C 187 -11.00 -4.29 -9.16
C LEU C 187 -11.12 -3.02 -9.99
N GLY C 188 -10.11 -2.15 -9.89
CA GLY C 188 -10.05 -0.94 -10.71
C GLY C 188 -10.87 0.20 -10.15
N LEU C 189 -11.14 0.19 -8.85
CA LEU C 189 -11.89 1.26 -8.22
C LEU C 189 -11.02 2.50 -8.00
N PRO C 190 -11.55 3.70 -8.32
CA PRO C 190 -10.81 4.97 -8.17
C PRO C 190 -10.69 5.41 -6.71
N PRO C 191 -9.80 6.38 -6.41
CA PRO C 191 -9.64 6.88 -5.03
C PRO C 191 -10.94 7.37 -4.36
N LYS C 192 -11.88 7.89 -5.16
CA LYS C 192 -13.17 8.37 -4.64
C LYS C 192 -13.99 7.28 -3.95
N ILE C 193 -13.91 6.05 -4.45
CA ILE C 193 -14.66 4.93 -3.88
C ILE C 193 -13.94 4.42 -2.62
N VAL C 194 -14.51 4.69 -1.45
CA VAL C 194 -13.92 4.28 -0.17
C VAL C 194 -14.45 2.90 0.20
N ILE C 195 -13.56 1.91 0.29
CA ILE C 195 -13.99 0.59 0.77
C ILE C 195 -13.45 0.27 2.18
N GLY C 196 -14.30 -0.37 2.99
CA GLY C 196 -14.00 -0.58 4.40
C GLY C 196 -13.66 -2.00 4.80
N TYR C 197 -12.99 -2.12 5.95
CA TYR C 197 -12.67 -3.41 6.55
C TYR C 197 -13.28 -3.47 7.94
N GLN C 198 -14.24 -4.38 8.13
CA GLN C 198 -14.83 -4.64 9.45
C GLN C 198 -14.38 -5.99 9.95
N SER C 199 -14.19 -6.12 11.27
CA SER C 199 -13.91 -7.40 11.86
C SER C 199 -15.23 -8.19 11.94
N HIS C 200 -15.12 -9.52 11.90
CA HIS C 200 -16.26 -10.41 12.05
C HIS C 200 -16.85 -10.34 13.43
N ALA C 201 -15.99 -10.16 14.42
CA ALA C 201 -16.41 -10.01 15.81
C ALA C 201 -17.39 -8.84 15.93
N ASP C 202 -17.07 -7.73 15.24
CA ASP C 202 -17.96 -6.57 15.17
C ASP C 202 -19.23 -6.88 14.41
N THR C 203 -19.09 -7.55 13.26
CA THR C 203 -20.26 -7.90 12.43
C THR C 203 -21.21 -8.83 13.17
N ALA C 204 -20.67 -9.75 13.97
CA ALA C 204 -21.47 -10.73 14.71
C ALA C 204 -22.25 -10.11 15.88
N THR C 205 -21.74 -9.01 16.43
CA THR C 205 -22.26 -8.47 17.68
C THR C 205 -22.64 -6.99 17.62
N LYS C 206 -22.73 -6.44 16.41
CA LYS C 206 -23.12 -5.05 16.22
C LYS C 206 -23.97 -4.90 14.96
N LYS C 212 -18.73 0.09 12.24
CA LYS C 212 -17.44 0.78 12.16
C LYS C 212 -16.52 0.09 11.15
N ASN C 213 -15.59 0.85 10.57
CA ASN C 213 -14.50 0.30 9.76
C ASN C 213 -13.21 0.34 10.56
N ARG C 214 -12.49 -0.78 10.58
CA ARG C 214 -11.17 -0.80 11.20
C ARG C 214 -10.15 -0.10 10.29
N PHE C 215 -10.32 -0.30 8.98
CA PHE C 215 -9.48 0.32 7.96
C PHE C 215 -10.32 0.68 6.74
N VAL C 216 -9.80 1.60 5.94
CA VAL C 216 -10.36 1.92 4.63
C VAL C 216 -9.25 1.98 3.59
N VAL C 217 -9.58 1.72 2.33
CA VAL C 217 -8.67 2.01 1.20
C VAL C 217 -9.41 2.68 0.05
C ACE D 1 4.95 -22.95 -3.27
O ACE D 1 4.41 -23.74 -4.04
CH3 ACE D 1 5.63 -23.46 -2.01
N LYS D 2 4.61 -21.65 -3.24
CA LYS D 2 5.08 -20.67 -4.27
C LYS D 2 4.47 -20.95 -5.66
N LYS D 3 3.22 -20.54 -5.84
CA LYS D 3 2.54 -20.60 -7.14
C LYS D 3 1.72 -19.33 -7.35
N ARG D 4 2.27 -18.40 -8.13
CA ARG D 4 1.56 -17.18 -8.44
C ARG D 4 1.24 -17.13 -9.92
N TYR D 5 0.02 -16.73 -10.23
CA TYR D 5 -0.44 -16.60 -11.61
C TYR D 5 -1.09 -15.24 -11.81
N SER D 6 -0.72 -14.57 -12.89
CA SER D 6 -1.34 -13.30 -13.29
C SER D 6 -2.76 -13.55 -13.76
N ARG D 7 -3.58 -12.50 -13.78
CA ARG D 7 -4.94 -12.60 -14.31
C ARG D 7 -4.94 -13.05 -15.79
N GLU D 8 -4.00 -12.51 -16.58
CA GLU D 8 -3.90 -12.81 -18.01
C GLU D 8 -3.58 -14.28 -18.27
N PHE D 9 -2.70 -14.87 -17.45
CA PHE D 9 -2.37 -16.29 -17.58
C PHE D 9 -3.59 -17.14 -17.28
N LEU D 10 -4.29 -16.81 -16.20
CA LEU D 10 -5.49 -17.53 -15.78
C LEU D 10 -6.62 -17.39 -16.79
N LEU D 11 -6.76 -16.18 -17.35
CA LEU D 11 -7.80 -15.92 -18.34
C LEU D 11 -7.48 -16.56 -19.70
N GLY D 12 -6.24 -17.00 -19.89
CA GLY D 12 -5.86 -17.77 -21.07
C GLY D 12 -6.58 -19.12 -21.11
N PHE D 13 -6.93 -19.63 -19.94
CA PHE D 13 -7.63 -20.91 -19.80
C PHE D 13 -9.14 -20.70 -19.79
N NH2 D 14 -9.47 -19.48 -19.47
OAJ MGO E . 7.35 -2.61 4.55
PBE MGO E . 8.69 -2.35 5.44
OAD MGO E . 9.57 -1.33 4.55
OAI MGO E . 9.44 -3.59 5.78
OAS MGO E . 8.20 -1.56 6.75
PBG MGO E . 8.89 -0.20 7.19
OAL MGO E . 8.20 0.10 8.61
OAF MGO E . 10.37 -0.30 7.26
OAT MGO E . 8.38 0.88 6.11
PBF MGO E . 7.06 1.77 6.29
OAK MGO E . 7.19 2.83 5.10
OAE MGO E . 6.96 2.45 7.60
O5' MGO E . 5.80 0.82 5.92
C5' MGO E . 5.17 0.01 6.90
C4' MGO E . 3.67 -0.02 6.63
O4' MGO E . 3.11 1.31 6.88
C3' MGO E . 3.39 -0.25 5.15
O3' MGO E . 3.42 -1.64 4.81
C2' MGO E . 1.99 0.29 5.04
O2' MGO E . 1.05 -0.66 5.56
C1' MGO E . 2.04 1.52 5.94
NBC MGO E . 2.31 2.77 5.13
CAN MGO E . 3.47 3.39 4.99
NBD MGO E . 3.29 4.44 4.19
CAA MGO E . 4.42 5.35 3.83
CAX MGO E . 2.00 4.49 3.84
CAW MGO E . 1.40 3.44 4.43
CAM MGO E . 0.10 3.20 4.28
CAU MGO E . -0.70 4.03 3.50
NAB MGO E . -1.99 3.77 3.36
NAP MGO E . -0.08 5.12 2.87
CAV MGO E . 1.29 5.34 3.07
OAC MGO E . 1.81 6.31 2.52
OAJ MGO F . -28.12 -6.79 6.75
PBE MGO F . -27.00 -7.99 6.67
OAD MGO F . -26.63 -8.34 8.21
OAI MGO F . -25.80 -7.57 5.88
OAS MGO F . -27.80 -9.27 6.04
PBG MGO F . -27.30 -9.90 4.66
OAL MGO F . -28.37 -11.08 4.34
OAF MGO F . -27.22 -8.88 3.57
OAT MGO F . -25.85 -10.52 4.95
PBF MGO F . -25.54 -11.99 5.52
OAK MGO F . -23.93 -11.98 5.55
OAE MGO F . -26.07 -13.10 4.69
O5' MGO F . -26.07 -12.03 7.04
C5' MGO F . -27.43 -12.39 7.30
C4' MGO F . -27.53 -13.17 8.61
O4' MGO F . -27.03 -14.50 8.38
C3' MGO F . -26.60 -12.58 9.66
O3' MGO F . -27.23 -11.49 10.35
C2' MGO F . -26.40 -13.78 10.57
O2' MGO F . -27.54 -14.00 11.40
C1' MGO F . -26.30 -14.93 9.55
NBC MGO F . -24.87 -15.21 9.24
CAN MGO F . -24.18 -14.79 8.18
NBD MGO F . -22.93 -15.23 8.29
CAA MGO F . -21.88 -14.93 7.26
CAX MGO F . -22.83 -15.93 9.42
CAW MGO F . -24.04 -15.91 10.00
CAM MGO F . -24.28 -16.52 11.17
CAU MGO F . -23.26 -17.22 11.80
NAB MGO F . -23.50 -17.82 12.95
NAP MGO F . -22.01 -17.25 11.21
CAV MGO F . -21.80 -16.59 10.00
OAC MGO F . -20.69 -16.64 9.48
#